data_2LV0
#
_entry.id   2LV0
#
_entity_poly.entity_id   1
_entity_poly.type   'polyribonucleotide'
_entity_poly.pdbx_seq_one_letter_code
;GGGCUAAUGUUGAAAAAUUAGCCC
;
_entity_poly.pdbx_strand_id   A
#